data_7VQQ
#
_entry.id   7VQQ
#
_cell.length_a   1.00
_cell.length_b   1.00
_cell.length_c   1.00
_cell.angle_alpha   90.00
_cell.angle_beta   90.00
_cell.angle_gamma   90.00
#
_symmetry.space_group_name_H-M   'P 1'
#
_entity_poly.entity_id   1
_entity_poly.type   'polypeptide(L)'
_entity_poly.pdbx_seq_one_letter_code
;MSYYHHHHHHDYDIPTTENLYFQGAMVSKGEELFTGVVPILVELDGDVNGHKFSVSGEGEGDATYGKLTLKFICTTGKLP
VPWPTLVTTLTWGVQCFARYPDHMKQHDFFKSAMPEGYVQERTIFFKDDGNYKTRAEVKFEGDTLVNRIELKGIDFKEDG
NILGHKLEYNAISDNVYITADKQKNGIKANFKIRHNIEDGSVQLADHYQQNTPIGDGPVLLPDNHYLSTQSKLSKDPNEK
RDHMVLLEFVTAAGITLGMDELYKAGTMDPASNDYTQQATQSYGAYPTQPGQGYSQQSSQPYGQQSYSGYSQSTDTSGYG
QSSYSSYGQSQNTGYGTQSTPQGYGSTGGYGSSQSSQSSYGQQSSYPGYGQQPAPSSTSGSYGSSSQSSSYGQPQSGSYS
QQPSYGGQQQSYGQQQSYNPPQGYGQQNQYNSSSGGGGGGGGGGNYGQDQSSMSSGGGSGGGYGNQDQSGGGGSGGYGQQ
DRG
;
_entity_poly.pdbx_strand_id   A,B,C
#
# COMPACT_ATOMS: atom_id res chain seq x y z
N GLY A 303 23.61 -28.45 7.55
CA GLY A 303 22.53 -28.29 6.59
C GLY A 303 21.58 -27.17 6.94
N GLN A 304 21.38 -26.23 6.04
CA GLN A 304 20.54 -25.08 6.28
C GLN A 304 19.26 -25.18 5.47
N GLN A 305 18.33 -24.27 5.72
CA GLN A 305 17.02 -24.31 5.08
C GLN A 305 16.30 -22.99 5.28
N SER A 306 15.51 -22.57 4.29
CA SER A 306 14.77 -21.32 4.38
C SER A 306 13.26 -21.50 4.37
N TYR A 307 12.68 -22.05 3.31
CA TYR A 307 11.27 -22.45 3.30
C TYR A 307 10.30 -21.29 3.57
N SER A 308 10.11 -20.44 2.56
CA SER A 308 9.01 -19.47 2.58
C SER A 308 7.81 -19.92 1.75
N GLY A 309 7.49 -21.21 1.69
CA GLY A 309 6.51 -21.67 0.74
C GLY A 309 5.06 -21.50 1.20
N TYR A 310 4.18 -21.42 0.21
CA TYR A 310 2.72 -21.48 0.32
C TYR A 310 2.07 -20.19 0.78
N SER A 311 2.75 -19.06 0.70
CA SER A 311 2.18 -17.80 1.14
C SER A 311 1.00 -17.38 0.27
N GLN A 312 0.04 -16.71 0.89
CA GLN A 312 -1.14 -16.16 0.22
C GLN A 312 -1.89 -17.22 -0.58
N SER A 313 -1.88 -18.46 -0.10
CA SER A 313 -2.57 -19.55 -0.77
C SER A 313 -4.06 -19.45 -0.49
N THR A 314 -4.81 -20.50 -0.81
CA THR A 314 -6.24 -20.56 -0.55
C THR A 314 -6.73 -21.98 -0.85
N ASP A 315 -7.72 -22.42 -0.09
CA ASP A 315 -8.37 -23.72 -0.26
C ASP A 315 -9.88 -23.52 -0.24
N THR A 316 -10.61 -24.56 -0.61
CA THR A 316 -12.07 -24.50 -0.63
C THR A 316 -12.63 -25.92 -0.69
N SER A 317 -13.75 -26.13 -0.02
CA SER A 317 -14.45 -27.42 -0.08
C SER A 317 -15.94 -27.18 0.15
N GLY A 318 -16.71 -28.25 0.04
CA GLY A 318 -18.11 -28.19 0.40
C GLY A 318 -18.88 -27.25 -0.50
N TYR A 319 -19.48 -26.23 0.09
CA TYR A 319 -20.15 -25.17 -0.65
C TYR A 319 -19.52 -23.82 -0.32
N GLY A 320 -18.20 -23.79 -0.18
CA GLY A 320 -17.53 -22.59 0.26
C GLY A 320 -17.31 -21.59 -0.88
N GLN A 321 -17.56 -20.33 -0.59
CA GLN A 321 -17.24 -19.23 -1.48
C GLN A 321 -16.03 -18.48 -0.94
N SER A 322 -15.29 -17.82 -1.84
CA SER A 322 -14.19 -16.99 -1.39
C SER A 322 -13.85 -15.95 -2.44
N SER A 323 -13.21 -14.87 -1.98
CA SER A 323 -12.72 -13.80 -2.82
C SER A 323 -11.37 -13.37 -2.28
N TYR A 324 -10.46 -13.02 -3.16
CA TYR A 324 -9.12 -12.62 -2.76
C TYR A 324 -8.61 -11.55 -3.70
N SER A 325 -8.00 -10.52 -3.12
CA SER A 325 -7.36 -9.45 -3.88
C SER A 325 -6.04 -9.11 -3.22
N SER A 326 -4.98 -9.02 -4.02
CA SER A 326 -3.63 -8.73 -3.55
C SER A 326 -3.02 -7.62 -4.37
N TYR A 327 -2.24 -6.75 -3.71
CA TYR A 327 -1.57 -5.62 -4.38
C TYR A 327 -0.15 -5.49 -3.84
N GLY A 328 0.83 -5.96 -4.60
CA GLY A 328 2.21 -5.59 -4.35
C GLY A 328 3.04 -6.44 -3.42
N GLN A 329 2.93 -7.77 -3.51
CA GLN A 329 3.76 -8.65 -2.70
C GLN A 329 5.21 -8.64 -3.20
N SER A 330 6.14 -9.02 -2.32
CA SER A 330 7.57 -9.04 -2.68
C SER A 330 8.30 -10.00 -1.77
N GLN A 331 8.68 -11.17 -2.26
CA GLN A 331 9.38 -12.16 -1.46
C GLN A 331 10.85 -12.23 -1.81
N ASN A 332 11.66 -12.60 -0.83
CA ASN A 332 13.09 -12.81 -1.03
C ASN A 332 13.52 -13.95 -0.14
N THR A 333 14.07 -15.00 -0.73
CA THR A 333 14.47 -16.19 0.01
C THR A 333 15.89 -16.56 -0.34
N GLY A 334 16.60 -17.14 0.63
CA GLY A 334 17.94 -17.62 0.35
C GLY A 334 19.02 -16.63 0.69
N TYR A 335 19.78 -16.19 -0.33
CA TYR A 335 21.01 -15.44 -0.09
C TYR A 335 21.18 -14.25 -1.03
N GLY A 336 20.14 -13.84 -1.76
CA GLY A 336 20.27 -12.81 -2.76
C GLY A 336 19.88 -11.43 -2.26
N THR A 337 19.96 -10.47 -3.17
CA THR A 337 19.61 -9.08 -2.94
C THR A 337 18.37 -8.74 -3.75
N GLN A 338 17.54 -7.85 -3.23
CA GLN A 338 16.33 -7.42 -3.93
C GLN A 338 16.10 -5.95 -3.62
N SER A 339 15.49 -5.23 -4.58
CA SER A 339 15.25 -3.80 -4.40
C SER A 339 14.12 -3.36 -5.32
N THR A 340 12.95 -3.04 -4.78
CA THR A 340 11.78 -2.65 -5.56
C THR A 340 11.04 -1.51 -4.88
N PRO A 341 11.24 -0.27 -5.30
CA PRO A 341 10.37 0.81 -4.84
C PRO A 341 9.05 0.83 -5.60
N GLN A 342 8.03 1.44 -4.98
CA GLN A 342 6.68 1.47 -5.52
C GLN A 342 6.01 2.80 -5.25
N GLY A 343 5.30 3.33 -6.23
CA GLY A 343 4.46 4.48 -6.02
C GLY A 343 3.10 4.30 -6.66
N TYR A 344 2.02 4.35 -5.87
CA TYR A 344 0.68 4.13 -6.37
C TYR A 344 -0.15 5.40 -6.21
N GLY A 345 -1.12 5.57 -7.09
CA GLY A 345 -2.04 6.69 -6.95
C GLY A 345 -3.42 6.37 -7.44
N SER A 346 -4.46 6.75 -6.69
CA SER A 346 -5.82 6.40 -7.04
C SER A 346 -6.74 7.57 -6.81
N THR A 347 -7.81 7.63 -7.60
CA THR A 347 -8.90 8.59 -7.46
C THR A 347 -8.46 10.01 -7.12
N GLY A 348 -7.36 10.46 -7.69
CA GLY A 348 -6.93 11.83 -7.52
C GLY A 348 -5.83 12.08 -6.52
N GLY A 349 -5.15 11.05 -6.03
CA GLY A 349 -4.03 11.21 -5.16
C GLY A 349 -2.71 11.01 -5.89
N TYR A 350 -1.64 11.36 -5.20
CA TYR A 350 -0.28 11.32 -5.75
C TYR A 350 0.58 10.39 -4.92
N GLY A 351 1.20 9.41 -5.56
CA GLY A 351 2.15 8.54 -4.89
C GLY A 351 3.52 8.67 -5.54
N SER A 352 4.55 8.63 -4.71
CA SER A 352 5.90 8.84 -5.19
C SER A 352 6.87 8.01 -4.38
N SER A 353 8.03 7.73 -4.96
CA SER A 353 9.04 6.99 -4.24
C SER A 353 10.35 7.09 -5.01
N GLN A 354 11.44 7.30 -4.28
CA GLN A 354 12.74 7.51 -4.89
C GLN A 354 13.76 6.64 -4.16
N SER A 355 14.87 6.36 -4.82
CA SER A 355 15.85 5.49 -4.21
C SER A 355 17.21 5.75 -4.84
N SER A 356 18.25 5.23 -4.18
CA SER A 356 19.61 5.48 -4.59
C SER A 356 20.54 4.57 -3.80
N GLN A 357 21.56 4.03 -4.48
CA GLN A 357 22.55 3.16 -3.83
C GLN A 357 23.90 3.42 -4.46
N SER A 358 24.77 4.13 -3.74
CA SER A 358 26.15 4.37 -4.15
C SER A 358 26.24 5.34 -5.32
N SER A 359 25.30 6.28 -5.43
CA SER A 359 25.18 7.12 -6.61
C SER A 359 25.82 8.49 -6.41
N TYR A 360 25.68 9.33 -7.43
CA TYR A 360 26.18 10.70 -7.44
C TYR A 360 25.19 11.66 -8.06
N GLY A 361 24.06 11.17 -8.54
CA GLY A 361 23.22 11.90 -9.45
C GLY A 361 22.25 12.83 -8.75
N GLN A 362 21.26 13.27 -9.50
CA GLN A 362 20.29 14.24 -9.04
CA GLN A 362 20.29 14.24 -9.04
C GLN A 362 18.91 13.81 -9.52
N GLN A 363 18.02 13.52 -8.59
CA GLN A 363 16.66 13.11 -8.89
C GLN A 363 15.72 14.23 -8.48
N SER A 364 14.68 14.46 -9.27
CA SER A 364 13.71 15.48 -8.91
C SER A 364 12.41 15.20 -9.63
N SER A 365 11.30 15.34 -8.91
CA SER A 365 10.00 14.89 -9.38
C SER A 365 8.97 15.96 -9.12
N TYR A 366 8.12 16.25 -10.10
CA TYR A 366 7.07 17.21 -9.81
C TYR A 366 5.91 17.15 -10.79
N PRO A 367 5.09 16.11 -10.76
CA PRO A 367 3.94 16.04 -11.67
C PRO A 367 2.83 17.01 -11.26
N GLY A 368 1.80 17.07 -12.10
CA GLY A 368 0.61 17.84 -11.79
C GLY A 368 0.82 19.33 -11.62
N TYR A 369 1.91 19.88 -12.16
CA TYR A 369 2.30 21.26 -11.94
C TYR A 369 1.27 22.28 -12.46
N GLY A 370 0.60 22.96 -11.55
CA GLY A 370 -0.31 24.02 -11.93
C GLY A 370 -1.55 23.58 -12.66
N GLN A 371 -1.98 22.33 -12.48
CA GLN A 371 -3.06 21.79 -13.30
C GLN A 371 -4.41 22.34 -12.87
N GLN A 372 -5.38 22.25 -13.78
CA GLN A 372 -6.76 22.66 -13.51
C GLN A 372 -7.71 21.78 -14.30
N PRO A 373 -8.14 20.66 -13.74
CA PRO A 373 -9.21 19.88 -14.39
C PRO A 373 -10.56 20.54 -14.24
N ALA A 374 -11.60 19.89 -14.74
CA ALA A 374 -12.97 20.38 -14.81
C ALA A 374 -13.88 19.56 -13.90
N PRO A 375 -15.14 20.02 -13.64
CA PRO A 375 -16.03 19.26 -12.76
C PRO A 375 -16.26 17.82 -13.20
N SER A 376 -15.82 16.87 -12.39
CA SER A 376 -15.82 15.45 -12.72
C SER A 376 -16.77 14.70 -11.79
N SER A 377 -16.87 13.39 -12.02
CA SER A 377 -17.68 12.51 -11.17
C SER A 377 -17.12 11.10 -11.34
N THR A 378 -16.24 10.68 -10.43
CA THR A 378 -15.55 9.42 -10.58
C THR A 378 -15.94 8.45 -9.48
N SER A 379 -15.48 7.21 -9.63
CA SER A 379 -15.84 6.13 -8.73
C SER A 379 -14.86 4.99 -8.90
N GLY A 380 -14.64 4.24 -7.84
CA GLY A 380 -13.73 3.12 -7.92
C GLY A 380 -13.87 2.17 -6.75
N SER A 381 -13.78 0.88 -7.01
CA SER A 381 -13.92 -0.14 -5.97
C SER A 381 -12.77 -1.12 -6.07
N TYR A 382 -12.06 -1.30 -4.98
CA TYR A 382 -10.86 -2.11 -5.00
C TYR A 382 -10.92 -3.32 -4.10
N GLY A 383 -11.61 -3.25 -2.97
CA GLY A 383 -11.71 -4.39 -2.09
C GLY A 383 -12.63 -5.45 -2.64
N SER A 384 -12.48 -6.66 -2.16
CA SER A 384 -13.21 -7.78 -2.73
C SER A 384 -14.62 -7.84 -2.17
N SER A 385 -15.60 -7.91 -3.07
CA SER A 385 -17.03 -7.88 -2.76
C SER A 385 -17.47 -6.53 -2.22
N SER A 386 -16.77 -5.47 -2.61
CA SER A 386 -17.14 -4.13 -2.18
C SER A 386 -18.20 -3.57 -3.12
N GLN A 387 -18.45 -2.27 -3.02
CA GLN A 387 -19.50 -1.63 -3.80
C GLN A 387 -19.31 -0.13 -3.69
N SER A 388 -19.51 0.59 -4.79
CA SER A 388 -19.22 2.02 -4.80
C SER A 388 -20.21 2.71 -5.72
N SER A 389 -20.36 4.02 -5.53
CA SER A 389 -21.35 4.78 -6.28
C SER A 389 -20.97 6.24 -6.21
N SER A 390 -21.47 7.01 -7.19
CA SER A 390 -21.06 8.40 -7.33
C SER A 390 -22.11 9.13 -8.15
N TYR A 391 -22.46 10.34 -7.72
CA TYR A 391 -23.50 11.12 -8.36
C TYR A 391 -22.98 12.52 -8.65
N GLY A 392 -23.86 13.35 -9.15
CA GLY A 392 -23.51 14.72 -9.44
C GLY A 392 -24.73 15.52 -9.85
N GLN A 393 -24.81 16.76 -9.42
CA GLN A 393 -25.93 17.61 -9.82
C GLN A 393 -25.44 19.04 -10.09
N GLY B 303 22.46 -27.69 12.52
CA GLY B 303 21.70 -27.24 11.37
C GLY B 303 20.65 -26.20 11.70
N GLN B 304 20.63 -25.11 10.95
CA GLN B 304 19.73 -24.00 11.20
C GLN B 304 18.49 -24.11 10.32
N GLN B 305 17.53 -23.22 10.55
CA GLN B 305 16.25 -23.27 9.85
C GLN B 305 15.48 -22.00 10.10
N SER B 306 14.71 -21.53 9.11
CA SER B 306 13.96 -20.29 9.26
C SER B 306 12.45 -20.45 9.22
N TYR B 307 11.85 -20.91 8.11
CA TYR B 307 10.44 -21.30 8.08
C TYR B 307 9.48 -20.15 8.43
N SER B 308 9.25 -19.25 7.47
CA SER B 308 8.12 -18.33 7.58
C SER B 308 6.97 -18.67 6.65
N GLY B 309 6.63 -19.94 6.45
CA GLY B 309 5.64 -20.29 5.46
C GLY B 309 4.21 -20.12 5.94
N TYR B 310 3.30 -19.99 4.96
CA TYR B 310 1.85 -20.01 5.11
C TYR B 310 1.24 -18.69 5.57
N SER B 311 1.98 -17.59 5.53
CA SER B 311 1.44 -16.32 5.98
C SER B 311 0.32 -15.85 5.07
N GLN B 312 -0.74 -15.31 5.67
CA GLN B 312 -1.89 -14.76 4.96
C GLN B 312 -2.60 -15.81 4.13
N SER B 313 -2.63 -17.05 4.62
CA SER B 313 -3.32 -18.14 3.97
C SER B 313 -4.82 -18.02 4.23
N THR B 314 -5.58 -19.04 3.82
CA THR B 314 -7.04 -19.03 3.98
C THR B 314 -7.56 -20.43 3.70
N ASP B 315 -8.39 -20.95 4.60
CA ASP B 315 -9.11 -22.20 4.43
C ASP B 315 -10.60 -21.93 4.42
N THR B 316 -11.37 -22.95 4.03
CA THR B 316 -12.82 -22.85 3.98
C THR B 316 -13.48 -24.22 3.84
N SER B 317 -14.49 -24.50 4.64
CA SER B 317 -15.25 -25.74 4.54
C SER B 317 -16.71 -25.45 4.78
N GLY B 318 -17.54 -26.48 4.61
CA GLY B 318 -18.95 -26.38 4.96
C GLY B 318 -19.74 -25.44 4.08
N TYR B 319 -20.28 -24.38 4.67
CA TYR B 319 -20.99 -23.34 3.94
C TYR B 319 -20.34 -21.99 4.18
N GLY B 320 -19.04 -21.96 4.47
CA GLY B 320 -18.41 -20.75 4.92
C GLY B 320 -18.00 -19.83 3.78
N GLN B 321 -18.22 -18.53 3.99
CA GLN B 321 -17.82 -17.50 3.05
C GLN B 321 -16.61 -16.73 3.58
N SER B 322 -15.93 -16.05 2.67
CA SER B 322 -14.74 -15.31 3.04
C SER B 322 -14.56 -14.12 2.12
N SER B 323 -13.68 -13.21 2.55
CA SER B 323 -13.27 -12.05 1.79
C SER B 323 -11.94 -11.61 2.36
N TYR B 324 -10.98 -11.31 1.51
CA TYR B 324 -9.64 -10.96 1.94
C TYR B 324 -9.09 -9.90 1.02
N SER B 325 -8.44 -8.89 1.61
CA SER B 325 -7.74 -7.85 0.87
C SER B 325 -6.40 -7.58 1.53
N SER B 326 -5.35 -7.51 0.72
CA SER B 326 -4.00 -7.24 1.19
C SER B 326 -3.40 -6.11 0.38
N TYR B 327 -2.65 -5.22 1.03
CA TYR B 327 -1.92 -4.15 0.35
C TYR B 327 -0.53 -4.03 0.96
N GLY B 328 0.49 -4.47 0.23
CA GLY B 328 1.85 -4.09 0.56
C GLY B 328 2.65 -5.03 1.41
N GLN B 329 2.37 -6.33 1.37
CA GLN B 329 3.19 -7.27 2.12
C GLN B 329 4.59 -7.35 1.53
N SER B 330 5.57 -7.72 2.36
CA SER B 330 6.93 -7.90 1.88
C SER B 330 7.74 -8.73 2.87
N GLN B 331 8.10 -9.95 2.50
CA GLN B 331 8.83 -10.86 3.37
C GLN B 331 10.31 -10.95 3.00
N ASN B 332 11.10 -11.38 3.97
CA ASN B 332 12.52 -11.65 3.79
C ASN B 332 12.87 -12.81 4.69
N THR B 333 13.56 -13.81 4.16
CA THR B 333 13.87 -15.01 4.92
C THR B 333 15.25 -15.50 4.54
N GLY B 334 15.97 -16.05 5.51
CA GLY B 334 17.26 -16.62 5.24
C GLY B 334 18.39 -15.68 5.58
N TYR B 335 19.13 -15.23 4.56
CA TYR B 335 20.39 -14.53 4.79
C TYR B 335 20.59 -13.32 3.89
N GLY B 336 19.57 -12.86 3.18
CA GLY B 336 19.74 -11.81 2.21
C GLY B 336 19.29 -10.45 2.73
N THR B 337 19.48 -9.44 1.88
CA THR B 337 19.05 -8.08 2.16
C THR B 337 17.90 -7.70 1.26
N GLN B 338 17.11 -6.73 1.71
CA GLN B 338 15.92 -6.30 1.00
C GLN B 338 15.72 -4.81 1.25
N SER B 339 15.10 -4.12 0.29
CA SER B 339 14.90 -2.68 0.41
C SER B 339 13.75 -2.24 -0.50
N THR B 340 12.62 -1.90 0.09
CA THR B 340 11.43 -1.51 -0.67
C THR B 340 10.73 -0.32 -0.03
N PRO B 341 11.05 0.89 -0.46
CA PRO B 341 10.24 2.06 -0.07
C PRO B 341 8.89 2.05 -0.77
N GLN B 342 7.90 2.68 -0.15
CA GLN B 342 6.53 2.71 -0.67
C GLN B 342 5.86 4.03 -0.35
N GLY B 343 5.20 4.62 -1.34
CA GLY B 343 4.36 5.78 -1.10
C GLY B 343 3.02 5.64 -1.79
N TYR B 344 1.93 5.73 -1.05
CA TYR B 344 0.58 5.56 -1.60
C TYR B 344 -0.22 6.85 -1.45
N GLY B 345 -1.25 6.98 -2.28
CA GLY B 345 -2.10 8.15 -2.19
C GLY B 345 -3.51 7.84 -2.66
N SER B 346 -4.52 8.42 -2.03
CA SER B 346 -5.90 8.07 -2.33
C SER B 346 -6.81 9.26 -2.10
N THR B 347 -7.92 9.30 -2.84
CA THR B 347 -9.02 10.24 -2.64
C THR B 347 -8.55 11.66 -2.34
N GLY B 348 -7.43 12.05 -2.92
CA GLY B 348 -6.95 13.41 -2.81
C GLY B 348 -5.87 13.66 -1.79
N GLY B 349 -5.13 12.63 -1.38
CA GLY B 349 -4.00 12.80 -0.48
C GLY B 349 -2.69 12.63 -1.23
N TYR B 350 -1.59 12.87 -0.51
CA TYR B 350 -0.25 12.75 -1.05
C TYR B 350 0.55 11.80 -0.18
N GLY B 351 1.25 10.88 -0.80
CA GLY B 351 2.15 9.99 -0.08
C GLY B 351 3.52 9.99 -0.72
N SER B 352 4.55 10.00 0.12
CA SER B 352 5.91 10.19 -0.34
C SER B 352 6.84 9.31 0.47
N SER B 353 7.98 8.97 -0.13
CA SER B 353 8.96 8.16 0.58
C SER B 353 10.28 8.25 -0.17
N GLN B 354 11.38 8.43 0.55
CA GLN B 354 12.69 8.56 -0.04
C GLN B 354 13.67 7.76 0.76
N SER B 355 14.81 7.44 0.17
CA SER B 355 15.84 6.72 0.91
C SER B 355 17.13 6.79 0.11
N SER B 356 18.23 6.42 0.78
CA SER B 356 19.54 6.41 0.15
C SER B 356 20.50 5.64 1.02
N GLN B 357 21.44 4.94 0.39
CA GLN B 357 22.42 4.13 1.10
C GLN B 357 23.77 4.34 0.45
N SER B 358 24.63 5.11 1.10
CA SER B 358 25.99 5.38 0.67
C SER B 358 26.06 6.33 -0.52
N SER B 359 25.04 7.15 -0.73
CA SER B 359 24.97 8.04 -1.88
C SER B 359 25.60 9.39 -1.57
N TYR B 360 25.65 10.24 -2.59
CA TYR B 360 26.17 11.61 -2.46
C TYR B 360 25.25 12.64 -3.09
N GLY B 361 24.32 12.24 -3.91
CA GLY B 361 23.52 13.18 -4.65
C GLY B 361 22.39 13.75 -3.85
N GLN B 362 21.56 14.52 -4.52
CA GLN B 362 20.48 15.28 -3.90
CA GLN B 362 20.48 15.21 -3.84
C GLN B 362 19.14 14.74 -4.41
N GLN B 363 18.23 14.40 -3.51
CA GLN B 363 16.88 14.04 -3.90
C GLN B 363 15.94 15.19 -3.60
N SER B 364 14.90 15.34 -4.41
CA SER B 364 14.02 16.48 -4.30
C SER B 364 12.66 16.11 -4.84
N SER B 365 11.60 16.62 -4.22
CA SER B 365 10.26 16.17 -4.57
C SER B 365 9.26 17.26 -4.25
N TYR B 366 8.37 17.56 -5.19
CA TYR B 366 7.36 18.56 -4.89
C TYR B 366 6.17 18.53 -5.84
N PRO B 367 5.33 17.49 -5.82
CA PRO B 367 4.20 17.45 -6.74
C PRO B 367 3.10 18.44 -6.34
N GLY B 368 2.06 18.48 -7.18
CA GLY B 368 0.89 19.29 -6.89
C GLY B 368 1.09 20.78 -6.79
N TYR B 369 2.20 21.30 -7.30
CA TYR B 369 2.57 22.71 -7.17
C TYR B 369 1.52 23.67 -7.71
N GLY B 370 0.92 24.47 -6.82
CA GLY B 370 -0.01 25.50 -7.23
C GLY B 370 -1.24 25.02 -7.96
N GLN B 371 -1.59 23.74 -7.83
CA GLN B 371 -2.69 23.17 -8.59
C GLN B 371 -4.02 23.77 -8.16
N GLN B 372 -5.01 23.67 -9.05
CA GLN B 372 -6.36 24.17 -8.79
C GLN B 372 -7.39 23.32 -9.51
N PRO B 373 -7.80 22.21 -8.91
CA PRO B 373 -8.90 21.43 -9.50
C PRO B 373 -10.25 22.16 -9.40
N ALA B 374 -11.31 21.50 -9.84
CA ALA B 374 -12.64 22.06 -9.95
C ALA B 374 -13.63 21.29 -9.09
N PRO B 375 -14.83 21.82 -8.85
CA PRO B 375 -15.80 21.13 -7.98
C PRO B 375 -16.13 19.73 -8.48
N SER B 376 -15.75 18.73 -7.69
CA SER B 376 -15.83 17.34 -8.09
C SER B 376 -16.76 16.57 -7.16
N SER B 377 -16.78 15.25 -7.33
CA SER B 377 -17.61 14.36 -6.53
C SER B 377 -17.01 12.97 -6.62
N THR B 378 -16.24 12.57 -5.61
CA THR B 378 -15.39 11.40 -5.67
C THR B 378 -15.83 10.36 -4.65
N SER B 379 -15.65 9.09 -4.99
CA SER B 379 -15.97 7.99 -4.10
C SER B 379 -14.92 6.90 -4.25
N GLY B 380 -14.85 6.03 -3.26
CA GLY B 380 -13.91 4.93 -3.32
C GLY B 380 -14.02 4.03 -2.12
N SER B 381 -13.96 2.71 -2.34
CA SER B 381 -14.13 1.75 -1.25
C SER B 381 -13.07 0.67 -1.36
N TYR B 382 -12.24 0.53 -0.34
CA TYR B 382 -11.08 -0.34 -0.40
C TYR B 382 -11.16 -1.56 0.51
N GLY B 383 -12.06 -1.58 1.47
CA GLY B 383 -12.15 -2.68 2.41
C GLY B 383 -13.04 -3.79 1.90
N SER B 384 -13.05 -4.88 2.65
CA SER B 384 -13.77 -6.08 2.25
C SER B 384 -15.24 -5.96 2.67
N SER B 385 -16.13 -5.99 1.68
CA SER B 385 -17.57 -5.81 1.88
C SER B 385 -17.92 -4.40 2.33
N SER B 386 -17.09 -3.43 1.95
CA SER B 386 -17.33 -2.04 2.26
C SER B 386 -18.50 -1.51 1.43
N GLN B 387 -18.72 -0.21 1.49
CA GLN B 387 -19.81 0.43 0.78
C GLN B 387 -19.61 1.93 0.88
N SER B 388 -19.76 2.63 -0.24
CA SER B 388 -19.41 4.05 -0.29
C SER B 388 -20.42 4.79 -1.14
N SER B 389 -20.53 6.10 -0.91
CA SER B 389 -21.48 6.91 -1.67
C SER B 389 -21.04 8.35 -1.61
N SER B 390 -21.51 9.13 -2.57
CA SER B 390 -21.08 10.52 -2.68
C SER B 390 -22.05 11.27 -3.55
N TYR B 391 -22.46 12.45 -3.11
CA TYR B 391 -23.44 13.25 -3.83
C TYR B 391 -22.90 14.65 -4.03
N GLY B 392 -23.58 15.40 -4.86
CA GLY B 392 -23.24 16.80 -5.08
C GLY B 392 -24.47 17.60 -5.37
N GLN B 393 -24.56 18.80 -4.83
CA GLN B 393 -25.69 19.68 -5.13
C GLN B 393 -25.21 21.12 -5.30
N GLY C 303 21.58 -26.76 17.24
CA GLY C 303 20.53 -26.47 16.25
C GLY C 303 19.67 -25.30 16.63
N GLN C 304 19.47 -24.38 15.70
CA GLN C 304 18.68 -23.18 15.94
C GLN C 304 17.39 -23.23 15.15
N GLN C 305 16.54 -22.24 15.36
CA GLN C 305 15.21 -22.24 14.73
C GLN C 305 14.56 -20.88 14.90
N SER C 306 13.79 -20.45 13.90
CA SER C 306 13.10 -19.16 13.99
C SER C 306 11.58 -19.28 13.98
N TYR C 307 10.99 -19.82 12.93
CA TYR C 307 9.56 -20.16 12.90
C TYR C 307 8.64 -18.95 13.16
N SER C 308 8.49 -18.12 12.13
CA SER C 308 7.45 -17.10 12.13
C SER C 308 6.22 -17.47 11.30
N GLY C 309 5.82 -18.74 11.23
CA GLY C 309 4.81 -19.14 10.28
C GLY C 309 3.37 -18.88 10.73
N TYR C 310 2.51 -18.75 9.73
CA TYR C 310 1.04 -18.73 9.84
C TYR C 310 0.46 -17.40 10.28
N SER C 311 1.23 -16.32 10.23
CA SER C 311 0.73 -15.02 10.67
C SER C 311 -0.38 -14.51 9.76
N GLN C 312 -1.42 -13.97 10.38
CA GLN C 312 -2.55 -13.35 9.69
C GLN C 312 -3.33 -14.36 8.85
N SER C 313 -3.43 -15.58 9.34
CA SER C 313 -4.15 -16.64 8.63
C SER C 313 -5.64 -16.48 8.88
N THR C 314 -6.43 -17.48 8.47
CA THR C 314 -7.87 -17.45 8.65
C THR C 314 -8.41 -18.85 8.40
N ASP C 315 -9.37 -19.27 9.23
CA ASP C 315 -10.11 -20.51 9.04
C ASP C 315 -11.59 -20.20 9.03
N THR C 316 -12.39 -21.19 8.64
CA THR C 316 -13.84 -21.04 8.62
C THR C 316 -14.49 -22.40 8.48
N SER C 317 -15.55 -22.67 9.24
CA SER C 317 -16.32 -23.89 9.12
C SER C 317 -17.79 -23.58 9.35
N GLY C 318 -18.63 -24.60 9.22
CA GLY C 318 -20.03 -24.45 9.55
C GLY C 318 -20.72 -23.48 8.63
N TYR C 319 -21.32 -22.44 9.20
CA TYR C 319 -21.92 -21.34 8.46
C TYR C 319 -21.25 -20.03 8.82
N GLY C 320 -19.93 -20.06 9.05
CA GLY C 320 -19.24 -18.88 9.51
C GLY C 320 -18.92 -17.92 8.36
N GLN C 321 -19.05 -16.64 8.65
CA GLN C 321 -18.66 -15.57 7.74
C GLN C 321 -17.44 -14.84 8.30
N SER C 322 -16.62 -14.30 7.40
CA SER C 322 -15.48 -13.52 7.85
C SER C 322 -15.12 -12.46 6.82
N SER C 323 -14.37 -11.46 7.28
CA SER C 323 -13.89 -10.36 6.46
C SER C 323 -12.53 -9.95 7.02
N TYR C 324 -11.61 -9.60 6.15
CA TYR C 324 -10.26 -9.29 6.58
C TYR C 324 -9.67 -8.23 5.67
N SER C 325 -9.00 -7.25 6.28
CA SER C 325 -8.26 -6.22 5.55
C SER C 325 -6.92 -5.98 6.24
N SER C 326 -5.85 -5.93 5.46
CA SER C 326 -4.50 -5.73 5.94
C SER C 326 -3.81 -4.64 5.15
N TYR C 327 -3.04 -3.78 5.82
CA TYR C 327 -2.29 -2.69 5.18
C TYR C 327 -0.88 -2.64 5.73
N GLY C 328 0.09 -3.07 4.93
CA GLY C 328 1.48 -2.79 5.23
C GLY C 328 2.21 -3.71 6.17
N GLN C 329 2.02 -5.02 6.05
CA GLN C 329 2.79 -5.95 6.89
C GLN C 329 4.24 -6.00 6.44
N SER C 330 5.11 -6.50 7.32
CA SER C 330 6.53 -6.62 7.03
C SER C 330 7.13 -7.69 7.94
N GLN C 331 7.75 -8.71 7.36
CA GLN C 331 8.36 -9.78 8.14
C GLN C 331 9.84 -9.93 7.78
N ASN C 332 10.64 -10.24 8.79
CA ASN C 332 12.07 -10.46 8.61
C ASN C 332 12.48 -11.60 9.54
N THR C 333 12.67 -12.78 8.96
CA THR C 333 13.00 -13.98 9.72
C THR C 333 14.39 -14.46 9.35
N GLY C 334 15.14 -14.93 10.32
CA GLY C 334 16.41 -15.55 10.02
C GLY C 334 17.61 -14.71 10.39
N TYR C 335 18.36 -14.24 9.39
CA TYR C 335 19.61 -13.56 9.64
C TYR C 335 19.84 -12.34 8.73
N GLY C 336 18.82 -11.87 8.02
CA GLY C 336 19.00 -10.85 7.01
C GLY C 336 18.68 -9.45 7.52
N THR C 337 18.89 -8.49 6.62
CA THR C 337 18.61 -7.09 6.86
C THR C 337 17.42 -6.66 6.02
N GLN C 338 16.67 -5.67 6.48
CA GLN C 338 15.49 -5.20 5.78
C GLN C 338 15.21 -3.77 6.18
N SER C 339 14.75 -2.95 5.23
CA SER C 339 14.45 -1.55 5.53
C SER C 339 13.41 -1.04 4.54
N THR C 340 12.21 -0.75 5.03
CA THR C 340 11.09 -0.33 4.19
C THR C 340 10.37 0.85 4.81
N PRO C 341 10.69 2.09 4.42
CA PRO C 341 9.90 3.23 4.86
C PRO C 341 8.61 3.37 4.05
N GLN C 342 7.58 3.90 4.71
CA GLN C 342 6.26 4.02 4.11
C GLN C 342 5.64 5.37 4.41
N GLY C 343 4.99 5.96 3.42
CA GLY C 343 4.21 7.15 3.62
C GLY C 343 2.86 7.05 2.95
N TYR C 344 1.77 7.21 3.70
CA TYR C 344 0.43 7.04 3.17
C TYR C 344 -0.37 8.34 3.29
N GLY C 345 -1.31 8.55 2.39
CA GLY C 345 -2.16 9.71 2.48
C GLY C 345 -3.58 9.39 2.07
N SER C 346 -4.57 10.01 2.70
CA SER C 346 -5.95 9.67 2.42
C SER C 346 -6.85 10.88 2.63
N THR C 347 -7.93 10.93 1.85
CA THR C 347 -9.01 11.90 2.00
C THR C 347 -8.54 13.31 2.35
N GLY C 348 -7.43 13.75 1.79
CA GLY C 348 -6.96 15.10 1.99
C GLY C 348 -5.84 15.27 2.99
N GLY C 349 -5.19 14.21 3.43
CA GLY C 349 -4.06 14.29 4.31
C GLY C 349 -2.74 14.16 3.57
N TYR C 350 -1.66 14.20 4.35
CA TYR C 350 -0.32 14.10 3.84
C TYR C 350 0.45 13.10 4.68
N GLY C 351 1.12 12.15 4.04
CA GLY C 351 2.04 11.29 4.76
C GLY C 351 3.40 11.30 4.12
N SER C 352 4.46 11.35 4.91
CA SER C 352 5.81 11.46 4.40
C SER C 352 6.72 10.59 5.23
N SER C 353 7.86 10.22 4.66
CA SER C 353 8.84 9.44 5.41
C SER C 353 10.16 9.47 4.67
N GLN C 354 11.25 9.59 5.42
CA GLN C 354 12.58 9.75 4.86
C GLN C 354 13.53 8.83 5.59
N SER C 355 14.63 8.49 4.95
CA SER C 355 15.58 7.59 5.59
C SER C 355 16.95 7.79 4.96
N SER C 356 17.95 7.25 5.63
CA SER C 356 19.35 7.44 5.24
C SER C 356 20.21 6.48 6.01
N GLN C 357 21.22 5.92 5.34
CA GLN C 357 22.15 4.99 5.99
C GLN C 357 23.53 5.21 5.38
N SER C 358 24.40 5.91 6.11
CA SER C 358 25.79 6.15 5.72
C SER C 358 25.91 7.16 4.58
N SER C 359 24.90 8.00 4.38
CA SER C 359 24.84 8.89 3.23
C SER C 359 25.60 10.18 3.48
N TYR C 360 25.58 11.06 2.48
CA TYR C 360 26.21 12.38 2.53
C TYR C 360 25.34 13.45 1.92
N GLY C 361 24.20 13.09 1.35
CA GLY C 361 23.48 13.96 0.45
C GLY C 361 22.43 14.79 1.15
N GLN C 362 21.55 15.35 0.34
CA GLN C 362 20.53 16.28 0.80
CA GLN C 362 20.53 16.26 0.81
C GLN C 362 19.17 15.81 0.31
N GLN C 363 18.23 15.63 1.22
CA GLN C 363 16.86 15.28 0.89
C GLN C 363 15.95 16.41 1.32
N SER C 364 15.00 16.77 0.47
CA SER C 364 14.06 17.82 0.84
C SER C 364 12.75 17.58 0.12
N SER C 365 11.65 17.74 0.85
CA SER C 365 10.35 17.36 0.36
C SER C 365 9.34 18.45 0.64
N TYR C 366 8.50 18.79 -0.34
CA TYR C 366 7.48 19.78 -0.07
C TYR C 366 6.33 19.76 -1.06
N PRO C 367 5.47 18.76 -1.04
CA PRO C 367 4.33 18.74 -1.97
C PRO C 367 3.28 19.77 -1.58
N GLY C 368 2.25 19.84 -2.42
CA GLY C 368 1.08 20.68 -2.14
C GLY C 368 1.37 22.16 -1.97
N TYR C 369 2.48 22.65 -2.50
CA TYR C 369 2.92 24.04 -2.29
C TYR C 369 1.93 25.08 -2.81
N GLY C 370 1.31 25.83 -1.91
CA GLY C 370 0.46 26.92 -2.31
C GLY C 370 -0.81 26.51 -3.04
N GLN C 371 -1.27 25.28 -2.85
CA GLN C 371 -2.36 24.75 -3.67
C GLN C 371 -3.70 25.36 -3.26
N GLN C 372 -4.66 25.28 -4.18
CA GLN C 372 -6.02 25.78 -3.95
C GLN C 372 -7.03 24.92 -4.69
N PRO C 373 -7.44 23.80 -4.11
CA PRO C 373 -8.55 23.04 -4.71
C PRO C 373 -9.88 23.77 -4.56
N ALA C 374 -10.94 23.20 -5.11
CA ALA C 374 -12.27 23.78 -5.21
C ALA C 374 -13.27 23.00 -4.35
N PRO C 375 -14.50 23.54 -4.15
CA PRO C 375 -15.47 22.84 -3.30
C PRO C 375 -15.79 21.42 -3.75
N SER C 376 -15.38 20.45 -2.95
CA SER C 376 -15.45 19.04 -3.30
C SER C 376 -16.39 18.31 -2.34
N SER C 377 -16.64 17.04 -2.64
CA SER C 377 -17.49 16.20 -1.80
C SER C 377 -17.03 14.75 -1.96
N THR C 378 -16.11 14.32 -1.10
CA THR C 378 -15.48 13.02 -1.24
C THR C 378 -15.92 12.08 -0.12
N SER C 379 -15.56 10.81 -0.30
CA SER C 379 -15.92 9.76 0.65
C SER C 379 -14.96 8.61 0.49
N GLY C 380 -14.94 7.74 1.48
CA GLY C 380 -14.04 6.62 1.43
C GLY C 380 -14.20 5.68 2.60
N SER C 381 -14.25 4.38 2.32
CA SER C 381 -14.42 3.38 3.36
C SER C 381 -13.26 2.38 3.25
N TYR C 382 -12.51 2.24 4.32
CA TYR C 382 -11.34 1.38 4.30
C TYR C 382 -11.44 0.17 5.21
N GLY C 383 -12.44 0.11 6.08
CA GLY C 383 -12.56 -0.97 7.04
C GLY C 383 -13.48 -2.08 6.57
N SER C 384 -13.40 -3.19 7.29
CA SER C 384 -14.16 -4.37 6.92
C SER C 384 -15.62 -4.20 7.29
N SER C 385 -16.49 -4.23 6.28
CA SER C 385 -17.92 -4.04 6.44
C SER C 385 -18.26 -2.64 6.94
N SER C 386 -17.44 -1.65 6.58
CA SER C 386 -17.70 -0.28 6.93
C SER C 386 -18.84 0.29 6.09
N GLN C 387 -19.06 1.59 6.20
CA GLN C 387 -20.11 2.25 5.44
C GLN C 387 -19.91 3.76 5.55
N SER C 388 -19.81 4.43 4.43
CA SER C 388 -19.51 5.85 4.42
C SER C 388 -20.48 6.57 3.50
N SER C 389 -20.56 7.89 3.66
CA SER C 389 -21.53 8.68 2.92
C SER C 389 -21.13 10.14 3.02
N SER C 390 -21.56 10.93 2.04
CA SER C 390 -21.09 12.30 1.94
C SER C 390 -22.06 13.10 1.10
N TYR C 391 -22.35 14.32 1.54
CA TYR C 391 -23.33 15.18 0.87
C TYR C 391 -22.72 16.55 0.66
N GLY C 392 -23.48 17.39 -0.04
CA GLY C 392 -23.08 18.76 -0.25
C GLY C 392 -24.29 19.59 -0.60
N GLN C 393 -24.34 20.83 -0.14
CA GLN C 393 -25.46 21.70 -0.52
C GLN C 393 -24.95 23.11 -0.80
#